data_9KTS
#
_entry.id   9KTS
#
loop_
_entity.id
_entity.type
_entity.pdbx_description
1 polymer 'Sodium- and chloride-dependent taurine transporter'
2 non-polymer 'CHLORIDE ION'
3 water water
#
_entity_poly.entity_id   1
_entity_poly.type   'polypeptide(L)'
_entity_poly.pdbx_seq_one_letter_code
;MATKEKLQCLKDFHKDILKPSPGKSPGTRPEDEAEGKPPQREKWSSKIDFVLSVAGGFVGLGNVWRFPYLCYKNGGGAFL
IPYFIFLFGSGLPVFFLEIIIGQYTSEGGITCWEKICPLFSGIGYASVVIVSLLNVYYIVILAWATYYLFQSFQKELPWA
HCNHSWNTPHCMEDTMRKNKSVWITISSTNFTSPVIEFWERNVLSLSPGIDHPGSLKWDLALCLLLVWLVCFFCIWKGVR
STGKVVYFTATFPFAMLLVLLVRGLTLPGAGAGIKFYLYPDITRLEDPQVWIDAGTQIFFSYAICLGAMTSLGSYNKYKY
NSYRDCMLLGCLNSGTSFVSGFAIFSILGFMAQEQGVDIADVAESGPGLAFIAYPKAVTMMPLPTFWSILFFIMLLLLGL
DSQFVEVEGQITSLVDLYPSFLRKGYRREIFIAFVCSISYLLGLTMVTEGGMYVFQLFDYYAASGVCLLWVAFFECFVIA
WIYGGDNLYDGIEDMIGYRPGPWMKYSWAVITPVLCVGCFIFSLVKYVPLTYNKTYVYPNWAIGLGWSLALSSMLCVPLV
IVIRLCQTEGPFLVRVKYLLTPREPNRWAVEREGATPYNSRTVMNGALVKPTHIIVETMM
;
_entity_poly.pdbx_strand_id   A
#
loop_
_chem_comp.id
_chem_comp.type
_chem_comp.name
_chem_comp.formula
CL non-polymer 'CHLORIDE ION' 'Cl -1'
#
# COMPACT_ATOMS: atom_id res chain seq x y z
N TRP A 44 0.11 -31.24 2.22
CA TRP A 44 -1.04 -32.12 2.10
C TRP A 44 -2.03 -31.87 3.24
N SER A 45 -1.93 -32.69 4.29
CA SER A 45 -2.82 -32.54 5.44
C SER A 45 -2.63 -31.19 6.12
N SER A 46 -1.38 -30.77 6.30
CA SER A 46 -1.10 -29.47 6.91
C SER A 46 -1.34 -28.31 5.95
N LYS A 47 -1.39 -28.58 4.64
CA LYS A 47 -1.57 -27.53 3.65
C LYS A 47 -2.89 -26.79 3.85
N ILE A 48 -3.85 -27.39 4.56
CA ILE A 48 -5.09 -26.68 4.89
C ILE A 48 -4.77 -25.38 5.63
N ASP A 49 -3.84 -25.45 6.59
CA ASP A 49 -3.37 -24.22 7.22
C ASP A 49 -2.74 -23.31 6.18
N PHE A 50 -1.88 -23.86 5.33
CA PHE A 50 -1.32 -23.08 4.23
C PHE A 50 -2.41 -22.61 3.28
N VAL A 51 -3.55 -23.30 3.27
CA VAL A 51 -4.69 -22.84 2.48
C VAL A 51 -5.10 -21.44 2.89
N LEU A 52 -5.05 -21.16 4.20
CA LEU A 52 -5.29 -19.78 4.65
C LEU A 52 -4.26 -18.84 4.05
N SER A 53 -2.98 -19.24 4.05
CA SER A 53 -1.96 -18.46 3.37
C SER A 53 -2.18 -18.40 1.86
N VAL A 54 -2.94 -19.35 1.31
CA VAL A 54 -3.31 -19.30 -0.09
C VAL A 54 -4.25 -18.14 -0.37
N ALA A 55 -4.94 -17.62 0.65
CA ALA A 55 -5.85 -16.50 0.46
C ALA A 55 -5.10 -15.26 -0.02
N GLY A 56 -3.93 -15.00 0.56
CA GLY A 56 -3.12 -13.86 0.22
C GLY A 56 -2.75 -13.07 1.45
N GLY A 57 -2.43 -11.80 1.25
CA GLY A 57 -2.06 -10.92 2.34
C GLY A 57 -0.65 -11.10 2.87
N PHE A 58 0.20 -11.85 2.16
CA PHE A 58 1.57 -12.07 2.59
C PHE A 58 2.60 -11.54 1.61
N VAL A 59 2.20 -11.13 0.41
CA VAL A 59 3.13 -10.59 -0.57
C VAL A 59 2.35 -9.66 -1.50
N GLY A 60 3.00 -8.59 -1.93
CA GLY A 60 2.35 -7.64 -2.81
C GLY A 60 3.29 -6.52 -3.17
N LEU A 61 2.72 -5.47 -3.77
CA LEU A 61 3.51 -4.30 -4.15
C LEU A 61 3.82 -3.40 -2.97
N GLY A 62 3.20 -3.62 -1.81
CA GLY A 62 3.56 -2.87 -0.62
C GLY A 62 4.80 -3.37 0.06
N ASN A 63 5.27 -4.56 -0.31
CA ASN A 63 6.49 -5.15 0.25
C ASN A 63 7.66 -5.09 -0.73
N VAL A 64 7.40 -5.31 -2.01
CA VAL A 64 8.46 -5.33 -3.00
C VAL A 64 8.78 -3.94 -3.55
N TRP A 65 7.79 -3.04 -3.57
CA TRP A 65 7.94 -1.72 -4.17
C TRP A 65 7.91 -0.58 -3.16
N ARG A 66 6.86 -0.49 -2.35
CA ARG A 66 6.69 0.68 -1.49
C ARG A 66 7.64 0.64 -0.28
N PHE A 67 7.80 -0.52 0.33
CA PHE A 67 8.65 -0.61 1.52
C PHE A 67 10.11 -0.26 1.24
N PRO A 68 10.77 -0.82 0.22
CA PRO A 68 12.17 -0.42 -0.03
C PRO A 68 12.32 1.04 -0.39
N TYR A 69 11.38 1.61 -1.15
CA TYR A 69 11.50 3.01 -1.53
C TYR A 69 11.30 3.92 -0.32
N LEU A 70 10.34 3.59 0.55
CA LEU A 70 10.16 4.37 1.77
C LEU A 70 11.36 4.25 2.68
N CYS A 71 11.95 3.04 2.79
CA CYS A 71 13.14 2.87 3.61
C CYS A 71 14.31 3.67 3.07
N TYR A 72 14.50 3.66 1.75
CA TYR A 72 15.59 4.42 1.13
C TYR A 72 15.39 5.91 1.31
N LYS A 73 14.14 6.38 1.20
CA LYS A 73 13.86 7.80 1.37
C LYS A 73 14.18 8.25 2.80
N ASN A 74 13.79 7.47 3.80
CA ASN A 74 13.93 7.84 5.20
C ASN A 74 15.15 7.25 5.87
N GLY A 75 16.18 6.91 5.10
CA GLY A 75 17.38 6.31 5.67
C GLY A 75 17.23 4.83 5.92
N GLY A 76 18.30 4.07 5.70
CA GLY A 76 18.23 2.63 5.77
C GLY A 76 17.86 2.07 7.13
N GLY A 77 18.74 2.22 8.11
CA GLY A 77 18.52 1.61 9.41
C GLY A 77 17.56 2.35 10.30
N ALA A 78 17.44 3.67 10.14
CA ALA A 78 16.57 4.46 10.99
C ALA A 78 15.09 4.20 10.71
N PHE A 79 14.76 3.67 9.55
CA PHE A 79 13.37 3.37 9.21
C PHE A 79 12.87 2.09 9.86
N LEU A 80 13.77 1.20 10.28
CA LEU A 80 13.34 -0.11 10.78
C LEU A 80 12.74 -0.03 12.17
N ILE A 81 13.31 0.79 13.06
CA ILE A 81 12.82 0.85 14.45
C ILE A 81 11.37 1.31 14.52
N PRO A 82 10.97 2.44 13.92
CA PRO A 82 9.53 2.76 13.91
C PRO A 82 8.70 1.71 13.20
N TYR A 83 9.25 1.08 12.16
CA TYR A 83 8.53 0.04 11.46
C TYR A 83 8.17 -1.12 12.39
N PHE A 84 9.15 -1.60 13.16
CA PHE A 84 8.90 -2.70 14.09
C PHE A 84 8.02 -2.26 15.25
N ILE A 85 8.18 -1.01 15.72
CA ILE A 85 7.33 -0.51 16.80
C ILE A 85 5.87 -0.51 16.37
N PHE A 86 5.60 0.01 15.17
CA PHE A 86 4.23 0.02 14.66
C PHE A 86 3.73 -1.39 14.33
N LEU A 87 4.64 -2.28 13.93
CA LEU A 87 4.25 -3.65 13.64
C LEU A 87 3.79 -4.38 14.90
N PHE A 88 4.55 -4.26 15.98
CA PHE A 88 4.25 -4.98 17.21
C PHE A 88 3.36 -4.20 18.17
N GLY A 89 3.02 -2.96 17.84
CA GLY A 89 2.15 -2.18 18.71
C GLY A 89 0.83 -1.78 18.09
N SER A 90 0.82 -1.52 16.79
CA SER A 90 -0.40 -1.05 16.16
C SER A 90 -0.82 -1.89 14.96
N GLY A 91 0.12 -2.38 14.15
CA GLY A 91 -0.20 -3.10 12.94
C GLY A 91 -1.00 -4.36 13.17
N LEU A 92 -0.38 -5.34 13.83
CA LEU A 92 -1.07 -6.58 14.17
C LEU A 92 -2.32 -6.36 15.03
N PRO A 93 -2.31 -5.51 16.06
CA PRO A 93 -3.56 -5.28 16.81
C PRO A 93 -4.68 -4.72 15.96
N VAL A 94 -4.41 -3.77 15.07
CA VAL A 94 -5.47 -3.21 14.24
C VAL A 94 -5.97 -4.23 13.21
N PHE A 95 -5.03 -5.01 12.64
CA PHE A 95 -5.44 -6.07 11.72
C PHE A 95 -6.36 -7.07 12.42
N PHE A 96 -5.96 -7.53 13.60
CA PHE A 96 -6.77 -8.47 14.36
C PHE A 96 -8.10 -7.86 14.75
N LEU A 97 -8.11 -6.57 15.10
CA LEU A 97 -9.35 -5.90 15.46
C LEU A 97 -10.31 -5.83 14.29
N GLU A 98 -9.81 -5.50 13.10
CA GLU A 98 -10.68 -5.44 11.93
C GLU A 98 -11.23 -6.82 11.59
N ILE A 99 -10.39 -7.86 11.69
CA ILE A 99 -10.88 -9.21 11.45
C ILE A 99 -11.94 -9.59 12.48
N ILE A 100 -11.72 -9.21 13.75
CA ILE A 100 -12.69 -9.51 14.80
C ILE A 100 -14.02 -8.83 14.51
N ILE A 101 -13.97 -7.55 14.11
CA ILE A 101 -15.20 -6.83 13.83
C ILE A 101 -15.95 -7.49 12.67
N GLY A 102 -15.21 -7.84 11.61
CA GLY A 102 -15.85 -8.49 10.47
C GLY A 102 -16.49 -9.82 10.83
N GLN A 103 -15.80 -10.61 11.65
CA GLN A 103 -16.32 -11.93 12.00
C GLN A 103 -17.47 -11.83 12.98
N TYR A 104 -17.39 -10.92 13.95
CA TYR A 104 -18.40 -10.80 14.99
C TYR A 104 -19.69 -10.18 14.45
N THR A 105 -19.57 -9.11 13.67
CA THR A 105 -20.76 -8.45 13.14
C THR A 105 -21.27 -9.09 11.86
N SER A 106 -20.45 -9.91 11.19
CA SER A 106 -20.81 -10.54 9.93
C SER A 106 -21.26 -9.50 8.90
N GLU A 107 -20.54 -8.37 8.87
CA GLU A 107 -20.88 -7.27 7.99
C GLU A 107 -19.60 -6.68 7.41
N GLY A 108 -19.77 -5.94 6.31
CA GLY A 108 -18.63 -5.34 5.62
C GLY A 108 -18.06 -4.13 6.33
N GLY A 109 -17.40 -3.26 5.58
CA GLY A 109 -16.77 -2.10 6.19
C GLY A 109 -17.76 -1.10 6.76
N ILE A 110 -18.86 -0.85 6.04
CA ILE A 110 -19.80 0.18 6.46
C ILE A 110 -20.77 -0.35 7.50
N THR A 111 -21.43 -1.48 7.21
CA THR A 111 -22.50 -1.96 8.07
C THR A 111 -22.01 -2.47 9.41
N CYS A 112 -20.73 -2.82 9.53
CA CYS A 112 -20.22 -3.30 10.82
C CYS A 112 -20.28 -2.20 11.88
N TRP A 113 -19.93 -0.97 11.51
CA TRP A 113 -20.02 0.13 12.45
C TRP A 113 -21.45 0.53 12.75
N GLU A 114 -22.39 0.17 11.89
CA GLU A 114 -23.80 0.39 12.20
C GLU A 114 -24.27 -0.47 13.37
N LYS A 115 -23.56 -1.56 13.66
CA LYS A 115 -23.87 -2.42 14.79
C LYS A 115 -22.90 -2.27 15.96
N ILE A 116 -21.66 -1.85 15.69
CA ILE A 116 -20.71 -1.63 16.77
C ILE A 116 -20.96 -0.30 17.46
N CYS A 117 -20.98 0.78 16.69
CA CYS A 117 -21.22 2.12 17.22
C CYS A 117 -21.75 3.01 16.10
N PRO A 118 -23.07 3.15 15.98
CA PRO A 118 -23.63 3.89 14.84
C PRO A 118 -23.14 5.33 14.74
N LEU A 119 -22.90 6.01 15.87
CA LEU A 119 -22.48 7.40 15.82
C LEU A 119 -21.18 7.55 15.05
N PHE A 120 -20.21 6.66 15.29
CA PHE A 120 -19.00 6.62 14.49
C PHE A 120 -19.14 5.66 13.31
N SER A 121 -20.22 5.80 12.55
CA SER A 121 -20.38 5.01 11.33
C SER A 121 -19.53 5.53 10.19
N GLY A 122 -19.22 6.83 10.19
CA GLY A 122 -18.44 7.42 9.11
C GLY A 122 -17.06 6.82 8.95
N ILE A 123 -16.56 6.12 9.97
CA ILE A 123 -15.29 5.42 9.84
C ILE A 123 -15.33 4.46 8.66
N GLY A 124 -16.49 3.82 8.43
CA GLY A 124 -16.63 3.02 7.22
C GLY A 124 -16.57 3.88 5.97
N TYR A 125 -17.31 4.99 5.96
CA TYR A 125 -17.39 5.83 4.75
C TYR A 125 -16.01 6.36 4.37
N ALA A 126 -15.25 6.82 5.37
CA ALA A 126 -13.88 7.27 5.11
C ALA A 126 -13.08 6.19 4.40
N SER A 127 -13.22 4.93 4.84
CA SER A 127 -12.53 3.84 4.18
C SER A 127 -12.94 3.74 2.72
N VAL A 128 -14.25 3.87 2.45
CA VAL A 128 -14.73 3.83 1.07
C VAL A 128 -14.07 4.93 0.24
N VAL A 129 -13.77 6.07 0.86
CA VAL A 129 -13.04 7.12 0.16
C VAL A 129 -11.60 6.69 -0.09
N ILE A 130 -10.95 6.14 0.93
CA ILE A 130 -9.53 5.81 0.83
C ILE A 130 -9.30 4.79 -0.28
N VAL A 131 -10.06 3.69 -0.25
CA VAL A 131 -9.95 2.68 -1.29
C VAL A 131 -10.36 3.26 -2.64
N SER A 132 -11.16 4.31 -2.66
CA SER A 132 -11.48 4.97 -3.91
C SER A 132 -10.26 5.73 -4.45
N LEU A 133 -9.51 6.36 -3.57
CA LEU A 133 -8.32 7.11 -4.02
C LEU A 133 -7.18 6.18 -4.38
N LEU A 134 -6.99 5.11 -3.60
CA LEU A 134 -5.88 4.19 -3.85
C LEU A 134 -5.97 3.60 -5.25
N ASN A 135 -7.16 3.12 -5.63
CA ASN A 135 -7.34 2.54 -6.95
C ASN A 135 -7.03 3.54 -8.06
N VAL A 136 -7.05 4.84 -7.76
CA VAL A 136 -6.67 5.83 -8.76
C VAL A 136 -5.20 5.69 -9.12
N TYR A 137 -4.32 5.51 -8.12
CA TYR A 137 -2.89 5.54 -8.36
C TYR A 137 -2.19 4.19 -8.19
N TYR A 138 -2.75 3.29 -7.36
CA TYR A 138 -2.10 2.00 -7.14
C TYR A 138 -1.97 1.20 -8.43
N ILE A 139 -2.88 1.41 -9.38
CA ILE A 139 -2.79 0.70 -10.65
C ILE A 139 -1.79 1.36 -11.60
N VAL A 140 -1.47 2.64 -11.38
CA VAL A 140 -0.53 3.33 -12.26
C VAL A 140 0.81 2.63 -12.27
N ILE A 141 1.24 2.12 -11.11
CA ILE A 141 2.49 1.37 -11.02
C ILE A 141 2.48 0.24 -12.02
N LEU A 142 1.37 -0.50 -12.07
CA LEU A 142 1.25 -1.60 -13.02
C LEU A 142 1.53 -1.13 -14.44
N ALA A 143 0.95 0.02 -14.81
CA ALA A 143 1.22 0.58 -16.14
C ALA A 143 2.72 0.68 -16.38
N TRP A 144 3.45 1.27 -15.43
CA TRP A 144 4.90 1.34 -15.54
C TRP A 144 5.48 -0.04 -15.77
N ALA A 145 5.12 -1.00 -14.92
CA ALA A 145 5.61 -2.36 -15.08
C ALA A 145 5.20 -2.91 -16.44
N THR A 146 3.96 -2.65 -16.86
CA THR A 146 3.52 -3.11 -18.17
C THR A 146 4.42 -2.55 -19.25
N TYR A 147 4.76 -1.26 -19.16
CA TYR A 147 5.67 -0.67 -20.14
C TYR A 147 7.00 -1.42 -20.15
N TYR A 148 7.53 -1.72 -18.96
CA TYR A 148 8.76 -2.50 -18.88
C TYR A 148 8.56 -3.89 -19.48
N LEU A 149 7.40 -4.50 -19.24
CA LEU A 149 7.11 -5.80 -19.83
C LEU A 149 7.07 -5.72 -21.35
N PHE A 150 6.75 -4.54 -21.89
CA PHE A 150 6.79 -4.36 -23.34
C PHE A 150 8.18 -4.00 -23.84
N GLN A 151 9.06 -3.50 -22.97
CA GLN A 151 10.41 -3.14 -23.36
C GLN A 151 11.41 -4.27 -23.18
N SER A 152 11.00 -5.38 -22.58
CA SER A 152 11.88 -6.51 -22.33
C SER A 152 11.80 -7.59 -23.40
N PHE A 153 11.03 -7.35 -24.47
CA PHE A 153 10.85 -8.34 -25.53
C PHE A 153 11.82 -8.13 -26.70
N GLN A 154 13.00 -7.57 -26.44
CA GLN A 154 14.00 -7.32 -27.46
C GLN A 154 15.29 -8.05 -27.12
N LYS A 155 16.23 -7.99 -28.06
CA LYS A 155 17.49 -8.73 -27.92
C LYS A 155 18.28 -8.24 -26.71
N GLU A 156 18.37 -6.93 -26.53
CA GLU A 156 19.11 -6.34 -25.41
C GLU A 156 18.20 -5.42 -24.63
N LEU A 157 18.37 -5.40 -23.31
CA LEU A 157 17.55 -4.57 -22.46
C LEU A 157 17.83 -3.10 -22.76
N PRO A 158 16.80 -2.27 -22.92
CA PRO A 158 17.03 -0.85 -23.25
C PRO A 158 17.73 -0.07 -22.15
N TRP A 159 17.73 -0.56 -20.92
CA TRP A 159 18.34 0.14 -19.79
C TRP A 159 19.74 -0.38 -19.47
N ALA A 160 20.49 -0.78 -20.49
CA ALA A 160 21.82 -1.33 -20.29
C ALA A 160 22.94 -0.52 -20.96
N HIS A 161 22.61 0.43 -21.83
CA HIS A 161 23.62 1.20 -22.53
C HIS A 161 23.17 2.64 -22.69
N CYS A 162 24.13 3.53 -22.93
CA CYS A 162 23.87 4.95 -23.13
C CYS A 162 23.72 5.32 -24.60
N ASN A 163 23.78 4.35 -25.52
CA ASN A 163 23.78 4.63 -26.95
C ASN A 163 22.38 4.73 -27.53
N HIS A 164 21.36 4.99 -26.70
CA HIS A 164 20.01 5.16 -27.18
C HIS A 164 19.74 6.63 -27.49
N SER A 165 18.55 6.91 -28.01
CA SER A 165 18.18 8.28 -28.38
C SER A 165 17.59 9.08 -27.22
N TRP A 166 17.32 8.44 -26.09
CA TRP A 166 16.76 9.12 -24.92
C TRP A 166 17.81 9.41 -23.86
N ASN A 167 19.09 9.25 -24.19
CA ASN A 167 20.17 9.42 -23.22
C ASN A 167 20.80 10.80 -23.36
N THR A 168 21.05 11.44 -22.22
CA THR A 168 21.72 12.73 -22.20
C THR A 168 23.19 12.56 -22.59
N PRO A 169 23.83 13.63 -23.06
CA PRO A 169 25.26 13.52 -23.40
C PRO A 169 26.13 13.05 -22.26
N HIS A 170 25.81 13.44 -21.02
CA HIS A 170 26.59 13.02 -19.85
C HIS A 170 26.03 11.71 -19.31
N CYS A 171 26.21 10.67 -20.12
CA CYS A 171 25.79 9.31 -19.78
C CYS A 171 26.99 8.39 -19.96
N MET A 172 27.53 7.89 -18.85
CA MET A 172 28.62 6.95 -18.87
C MET A 172 28.16 5.61 -18.30
N GLU A 173 28.56 4.53 -18.96
CA GLU A 173 28.20 3.19 -18.48
C GLU A 173 28.81 2.93 -17.12
N ASP A 174 28.08 2.18 -16.29
CA ASP A 174 28.51 1.95 -14.91
C ASP A 174 29.85 1.23 -14.84
N THR A 175 30.16 0.41 -15.85
CA THR A 175 31.44 -0.28 -15.87
C THR A 175 32.60 0.71 -15.98
N MET A 176 32.44 1.75 -16.80
CA MET A 176 33.45 2.77 -16.98
C MET A 176 33.16 4.01 -16.13
N ARG A 177 32.22 3.93 -15.20
CA ARG A 177 31.88 5.09 -14.38
C ARG A 177 33.05 5.55 -13.53
N LYS A 178 33.79 4.60 -12.96
CA LYS A 178 34.94 4.90 -12.11
C LYS A 178 36.18 5.34 -12.91
N ASN A 179 36.05 5.53 -14.21
CA ASN A 179 37.16 5.97 -15.06
C ASN A 179 38.36 5.03 -14.96
N THR A 189 29.38 17.67 -16.41
CA THR A 189 30.14 17.42 -15.19
C THR A 189 29.67 16.14 -14.52
N ASN A 190 28.52 16.20 -13.86
CA ASN A 190 27.96 15.03 -13.20
C ASN A 190 27.50 13.99 -14.22
N PHE A 191 27.68 12.72 -13.87
CA PHE A 191 27.30 11.61 -14.73
C PHE A 191 26.04 10.94 -14.19
N THR A 192 25.25 10.38 -15.11
CA THR A 192 24.01 9.72 -14.77
C THR A 192 24.02 8.29 -15.29
N SER A 193 23.52 7.36 -14.47
CA SER A 193 23.51 5.96 -14.84
C SER A 193 22.52 5.74 -15.99
N PRO A 194 22.81 4.82 -16.91
CA PRO A 194 21.86 4.54 -18.00
C PRO A 194 20.51 4.03 -17.51
N VAL A 195 20.47 3.30 -16.40
CA VAL A 195 19.20 2.82 -15.86
C VAL A 195 18.34 3.99 -15.40
N ILE A 196 18.94 4.94 -14.68
CA ILE A 196 18.19 6.10 -14.20
C ILE A 196 17.74 6.97 -15.37
N GLU A 197 18.59 7.13 -16.39
CA GLU A 197 18.19 7.90 -17.56
C GLU A 197 17.06 7.22 -18.32
N PHE A 198 17.09 5.89 -18.43
CA PHE A 198 15.97 5.20 -19.06
C PHE A 198 14.69 5.36 -18.25
N TRP A 199 14.79 5.32 -16.92
CA TRP A 199 13.61 5.46 -16.09
C TRP A 199 13.02 6.86 -16.15
N GLU A 200 13.87 7.89 -16.20
CA GLU A 200 13.40 9.26 -16.08
C GLU A 200 13.15 9.94 -17.43
N ARG A 201 13.80 9.49 -18.50
CA ARG A 201 13.69 10.13 -19.79
C ARG A 201 12.86 9.36 -20.80
N ASN A 202 12.74 8.04 -20.63
CA ASN A 202 11.97 7.21 -21.56
C ASN A 202 10.68 6.71 -20.95
N VAL A 203 10.74 6.06 -19.77
CA VAL A 203 9.53 5.57 -19.12
C VAL A 203 8.69 6.73 -18.62
N LEU A 204 9.31 7.69 -17.96
CA LEU A 204 8.57 8.81 -17.39
C LEU A 204 8.59 10.06 -18.28
N SER A 205 9.74 10.37 -18.89
CA SER A 205 9.96 11.65 -19.56
C SER A 205 9.64 12.80 -18.59
N LEU A 206 10.34 12.81 -17.47
CA LEU A 206 9.99 13.67 -16.35
C LEU A 206 10.07 15.14 -16.73
N SER A 207 9.06 15.91 -16.29
CA SER A 207 8.95 17.34 -16.49
C SER A 207 9.70 18.08 -15.39
N PRO A 208 10.03 19.36 -15.61
CA PRO A 208 10.69 20.14 -14.55
C PRO A 208 9.88 20.24 -13.27
N GLY A 209 8.55 20.23 -13.35
CA GLY A 209 7.75 20.35 -12.16
C GLY A 209 6.34 19.84 -12.38
N ILE A 210 5.56 19.88 -11.30
CA ILE A 210 4.18 19.43 -11.37
C ILE A 210 3.35 20.39 -12.21
N ASP A 211 3.73 21.67 -12.26
CA ASP A 211 3.03 22.67 -13.06
C ASP A 211 3.41 22.62 -14.53
N HIS A 212 4.02 21.53 -14.98
CA HIS A 212 4.36 21.32 -16.40
C HIS A 212 3.82 19.96 -16.83
N PRO A 213 2.51 19.86 -17.04
CA PRO A 213 1.94 18.56 -17.46
C PRO A 213 2.45 18.09 -18.80
N GLY A 214 2.81 19.00 -19.70
CA GLY A 214 3.27 18.59 -21.02
C GLY A 214 2.18 17.89 -21.79
N SER A 215 2.49 16.71 -22.31
CA SER A 215 1.55 15.92 -23.10
C SER A 215 1.43 14.52 -22.50
N LEU A 216 0.33 13.85 -22.84
CA LEU A 216 0.10 12.50 -22.34
C LEU A 216 1.08 11.52 -22.98
N LYS A 217 1.71 10.70 -22.15
CA LYS A 217 2.54 9.60 -22.65
C LYS A 217 1.63 8.57 -23.29
N TRP A 218 1.66 8.49 -24.63
CA TRP A 218 0.74 7.60 -25.32
C TRP A 218 1.00 6.14 -24.99
N ASP A 219 2.27 5.75 -24.87
CA ASP A 219 2.59 4.38 -24.48
C ASP A 219 2.11 4.08 -23.07
N LEU A 220 2.38 4.98 -22.12
CA LEU A 220 1.92 4.78 -20.76
C LEU A 220 0.39 4.78 -20.68
N ALA A 221 -0.25 5.68 -21.43
CA ALA A 221 -1.71 5.72 -21.43
C ALA A 221 -2.29 4.44 -21.99
N LEU A 222 -1.71 3.91 -23.07
CA LEU A 222 -2.18 2.65 -23.63
C LEU A 222 -1.97 1.51 -22.65
N CYS A 223 -0.83 1.48 -21.96
CA CYS A 223 -0.59 0.42 -20.98
C CYS A 223 -1.59 0.49 -19.83
N LEU A 224 -1.87 1.71 -19.33
CA LEU A 224 -2.82 1.86 -18.25
C LEU A 224 -4.23 1.46 -18.70
N LEU A 225 -4.60 1.83 -19.92
CA LEU A 225 -5.90 1.43 -20.45
C LEU A 225 -6.00 -0.08 -20.58
N LEU A 226 -4.91 -0.73 -21.03
CA LEU A 226 -4.92 -2.18 -21.14
C LEU A 226 -5.06 -2.84 -19.78
N VAL A 227 -4.35 -2.32 -18.77
CA VAL A 227 -4.45 -2.89 -17.42
C VAL A 227 -5.86 -2.70 -16.87
N TRP A 228 -6.46 -1.53 -17.11
CA TRP A 228 -7.83 -1.30 -16.64
C TRP A 228 -8.83 -2.20 -17.35
N LEU A 229 -8.62 -2.44 -18.65
CA LEU A 229 -9.49 -3.37 -19.37
C LEU A 229 -9.34 -4.79 -18.82
N VAL A 230 -8.12 -5.19 -18.49
CA VAL A 230 -7.91 -6.51 -17.88
C VAL A 230 -8.63 -6.60 -16.55
N CYS A 231 -8.52 -5.55 -15.72
CA CYS A 231 -9.20 -5.56 -14.43
C CYS A 231 -10.71 -5.63 -14.60
N PHE A 232 -11.25 -4.86 -15.55
CA PHE A 232 -12.70 -4.88 -15.78
C PHE A 232 -13.16 -6.25 -16.24
N PHE A 233 -12.43 -6.86 -17.19
CA PHE A 233 -12.82 -8.18 -17.67
C PHE A 233 -12.64 -9.26 -16.62
N CYS A 234 -11.74 -9.06 -15.65
CA CYS A 234 -11.59 -9.99 -14.54
C CYS A 234 -12.56 -9.69 -13.39
N ILE A 235 -13.24 -8.56 -13.42
CA ILE A 235 -14.24 -8.22 -12.40
C ILE A 235 -15.65 -8.30 -12.95
N TRP A 236 -15.86 -7.89 -14.20
CA TRP A 236 -17.19 -8.01 -14.82
C TRP A 236 -17.64 -9.45 -14.91
N LYS A 237 -16.71 -10.41 -14.94
CA LYS A 237 -17.06 -11.82 -14.93
C LYS A 237 -16.52 -12.56 -13.71
N GLY A 238 -15.65 -11.95 -12.92
CA GLY A 238 -15.12 -12.62 -11.74
C GLY A 238 -14.37 -13.88 -12.05
N VAL A 239 -13.55 -13.85 -13.10
CA VAL A 239 -12.86 -15.04 -13.59
C VAL A 239 -11.59 -15.22 -12.75
N ARG A 240 -11.70 -16.01 -11.68
CA ARG A 240 -10.55 -16.42 -10.88
C ARG A 240 -10.33 -17.90 -11.10
N SER A 241 -9.14 -18.25 -11.61
CA SER A 241 -8.86 -19.65 -11.94
C SER A 241 -8.88 -20.53 -10.70
N THR A 242 -8.27 -20.06 -9.60
CA THR A 242 -8.10 -20.84 -8.39
C THR A 242 -7.51 -22.21 -8.71
N GLY A 243 -8.16 -23.28 -8.26
CA GLY A 243 -7.71 -24.63 -8.58
C GLY A 243 -6.27 -24.88 -8.22
N LYS A 244 -5.51 -25.42 -9.17
CA LYS A 244 -4.06 -25.54 -9.01
C LYS A 244 -3.31 -24.31 -9.50
N VAL A 245 -4.01 -23.37 -10.16
CA VAL A 245 -3.35 -22.16 -10.64
C VAL A 245 -2.95 -21.26 -9.48
N VAL A 246 -3.71 -21.30 -8.39
CA VAL A 246 -3.37 -20.49 -7.21
C VAL A 246 -2.02 -20.92 -6.64
N TYR A 247 -1.66 -22.20 -6.76
CA TYR A 247 -0.35 -22.65 -6.32
C TYR A 247 0.75 -21.89 -7.04
N PHE A 248 0.67 -21.80 -8.37
CA PHE A 248 1.66 -21.04 -9.13
C PHE A 248 1.60 -19.55 -8.81
N THR A 249 0.39 -18.97 -8.75
CA THR A 249 0.29 -17.54 -8.52
C THR A 249 0.72 -17.13 -7.11
N ALA A 250 0.82 -18.09 -6.19
CA ALA A 250 1.32 -17.81 -4.86
C ALA A 250 2.77 -18.19 -4.64
N THR A 251 3.29 -19.16 -5.41
CA THR A 251 4.67 -19.58 -5.24
C THR A 251 5.64 -18.86 -6.17
N PHE A 252 5.17 -18.35 -7.30
CA PHE A 252 6.07 -17.66 -8.22
C PHE A 252 6.70 -16.40 -7.63
N PRO A 253 5.97 -15.51 -6.94
CA PRO A 253 6.64 -14.33 -6.37
C PRO A 253 7.77 -14.68 -5.42
N PHE A 254 7.59 -15.68 -4.56
CA PHE A 254 8.66 -16.07 -3.66
C PHE A 254 9.82 -16.72 -4.40
N ALA A 255 9.54 -17.49 -5.45
CA ALA A 255 10.61 -18.06 -6.25
C ALA A 255 11.45 -16.98 -6.91
N MET A 256 10.81 -15.95 -7.45
CA MET A 256 11.55 -14.86 -8.07
C MET A 256 12.31 -14.04 -7.02
N LEU A 257 11.69 -13.79 -5.87
CA LEU A 257 12.35 -13.02 -4.82
C LEU A 257 13.56 -13.75 -4.25
N LEU A 258 13.52 -15.08 -4.16
CA LEU A 258 14.69 -15.82 -3.70
C LEU A 258 15.86 -15.64 -4.67
N VAL A 259 15.59 -15.72 -5.97
CA VAL A 259 16.65 -15.53 -6.97
C VAL A 259 17.17 -14.10 -6.90
N LEU A 260 16.29 -13.12 -6.75
CA LEU A 260 16.72 -11.73 -6.63
C LEU A 260 17.61 -11.54 -5.41
N LEU A 261 17.23 -12.14 -4.28
CA LEU A 261 18.04 -12.03 -3.06
C LEU A 261 19.40 -12.70 -3.23
N VAL A 262 19.43 -13.87 -3.87
CA VAL A 262 20.70 -14.56 -4.09
C VAL A 262 21.60 -13.72 -4.98
N ARG A 263 21.05 -13.16 -6.07
CA ARG A 263 21.85 -12.33 -6.96
C ARG A 263 22.35 -11.08 -6.24
N GLY A 264 21.51 -10.44 -5.44
CA GLY A 264 21.94 -9.27 -4.71
C GLY A 264 23.04 -9.56 -3.72
N LEU A 265 22.91 -10.67 -2.97
CA LEU A 265 23.93 -11.04 -2.01
C LEU A 265 25.25 -11.38 -2.70
N THR A 266 25.18 -12.09 -3.83
CA THR A 266 26.41 -12.47 -4.53
C THR A 266 27.11 -11.29 -5.20
N LEU A 267 26.42 -10.17 -5.36
CA LEU A 267 27.06 -9.00 -5.97
C LEU A 267 28.15 -8.45 -5.04
N PRO A 268 29.33 -8.15 -5.56
CA PRO A 268 30.38 -7.57 -4.71
C PRO A 268 29.97 -6.20 -4.20
N GLY A 269 30.45 -5.86 -3.01
CA GLY A 269 30.11 -4.60 -2.39
C GLY A 269 28.75 -4.56 -1.71
N ALA A 270 28.04 -5.69 -1.64
CA ALA A 270 26.74 -5.72 -0.99
C ALA A 270 26.84 -5.57 0.52
N GLY A 271 28.03 -5.79 1.10
CA GLY A 271 28.19 -5.63 2.53
C GLY A 271 27.92 -4.21 2.99
N ALA A 272 28.42 -3.22 2.23
CA ALA A 272 28.15 -1.83 2.56
C ALA A 272 26.66 -1.51 2.48
N GLY A 273 25.98 -2.03 1.46
CA GLY A 273 24.55 -1.81 1.36
C GLY A 273 23.77 -2.43 2.50
N ILE A 274 24.16 -3.64 2.91
CA ILE A 274 23.50 -4.29 4.04
C ILE A 274 23.75 -3.51 5.33
N LYS A 275 24.98 -3.03 5.52
CA LYS A 275 25.27 -2.21 6.70
C LYS A 275 24.46 -0.93 6.70
N PHE A 276 24.31 -0.29 5.53
CA PHE A 276 23.47 0.90 5.43
C PHE A 276 22.02 0.58 5.76
N TYR A 277 21.53 -0.57 5.27
CA TYR A 277 20.13 -0.94 5.51
C TYR A 277 19.86 -1.29 6.96
N LEU A 278 20.82 -1.89 7.65
CA LEU A 278 20.59 -2.40 9.00
C LEU A 278 20.93 -1.39 10.08
N TYR A 279 22.13 -0.84 10.05
CA TYR A 279 22.60 0.02 11.12
C TYR A 279 21.79 1.32 11.16
N PRO A 280 21.14 1.65 12.27
CA PRO A 280 20.29 2.83 12.33
C PRO A 280 21.04 4.09 12.72
N ASP A 281 20.53 5.22 12.22
CA ASP A 281 21.02 6.54 12.58
C ASP A 281 20.06 7.12 13.62
N ILE A 282 20.55 7.32 14.85
CA ILE A 282 19.68 7.72 15.95
C ILE A 282 19.10 9.11 15.69
N THR A 283 19.92 10.05 15.25
CA THR A 283 19.46 11.42 15.04
C THR A 283 18.34 11.50 14.02
N ARG A 284 18.37 10.67 12.97
CA ARG A 284 17.31 10.68 11.97
C ARG A 284 15.97 10.28 12.57
N LEU A 285 15.96 9.64 13.75
CA LEU A 285 14.71 9.32 14.40
C LEU A 285 13.99 10.56 14.92
N GLU A 286 14.69 11.69 15.05
CA GLU A 286 14.04 12.91 15.52
C GLU A 286 13.02 13.42 14.53
N ASP A 287 13.22 13.16 13.24
CA ASP A 287 12.26 13.58 12.22
C ASP A 287 11.00 12.74 12.34
N PRO A 288 9.84 13.37 12.60
CA PRO A 288 8.60 12.60 12.72
C PRO A 288 8.21 11.89 11.43
N GLN A 289 8.70 12.36 10.29
CA GLN A 289 8.35 11.77 9.01
C GLN A 289 8.75 10.31 8.92
N VAL A 290 9.85 9.92 9.58
CA VAL A 290 10.23 8.50 9.59
C VAL A 290 9.16 7.67 10.28
N TRP A 291 8.68 8.14 11.43
CA TRP A 291 7.64 7.41 12.16
C TRP A 291 6.35 7.35 11.35
N ILE A 292 5.96 8.47 10.74
CA ILE A 292 4.73 8.48 9.94
C ILE A 292 4.85 7.54 8.76
N ASP A 293 5.99 7.56 8.06
CA ASP A 293 6.18 6.68 6.91
C ASP A 293 6.16 5.22 7.33
N ALA A 294 6.80 4.89 8.46
CA ALA A 294 6.80 3.51 8.92
C ALA A 294 5.40 3.04 9.27
N GLY A 295 4.64 3.86 10.01
CA GLY A 295 3.29 3.47 10.37
C GLY A 295 2.39 3.30 9.16
N THR A 296 2.46 4.25 8.22
CA THR A 296 1.66 4.16 7.01
C THR A 296 2.10 3.02 6.10
N GLN A 297 3.39 2.67 6.08
CA GLN A 297 3.83 1.49 5.34
C GLN A 297 3.28 0.21 5.94
N ILE A 298 3.28 0.12 7.28
CA ILE A 298 2.67 -1.04 7.93
C ILE A 298 1.20 -1.14 7.58
N PHE A 299 0.48 -0.01 7.66
CA PHE A 299 -0.94 -0.02 7.35
C PHE A 299 -1.21 -0.37 5.89
N PHE A 300 -0.38 0.17 4.98
CA PHE A 300 -0.54 -0.12 3.56
C PHE A 300 -0.29 -1.59 3.27
N SER A 301 0.76 -2.17 3.86
CA SER A 301 1.06 -3.58 3.64
C SER A 301 -0.03 -4.48 4.21
N TYR A 302 -0.57 -4.13 5.37
CA TYR A 302 -1.63 -4.94 5.96
C TYR A 302 -3.01 -4.63 5.40
N ALA A 303 -3.13 -3.62 4.53
CA ALA A 303 -4.39 -3.24 3.89
C ALA A 303 -5.46 -2.84 4.89
N ILE A 304 -5.06 -2.51 6.12
CA ILE A 304 -6.00 -2.10 7.15
C ILE A 304 -6.33 -0.63 6.98
N CYS A 305 -7.36 -0.15 7.69
CA CYS A 305 -7.90 1.20 7.60
C CYS A 305 -8.57 1.46 6.25
N LEU A 306 -8.83 0.42 5.46
CA LEU A 306 -9.52 0.56 4.19
C LEU A 306 -10.84 -0.19 4.15
N GLY A 307 -11.14 -0.99 5.16
CA GLY A 307 -12.36 -1.77 5.19
C GLY A 307 -12.29 -3.09 4.44
N ALA A 308 -11.17 -3.37 3.77
CA ALA A 308 -11.04 -4.63 3.04
C ALA A 308 -10.91 -5.81 4.00
N MET A 309 -10.15 -5.63 5.09
CA MET A 309 -9.92 -6.74 6.02
C MET A 309 -11.18 -7.09 6.78
N THR A 310 -12.01 -6.08 7.12
CA THR A 310 -13.29 -6.37 7.76
C THR A 310 -14.19 -7.19 6.86
N SER A 311 -14.27 -6.82 5.58
CA SER A 311 -15.07 -7.58 4.62
C SER A 311 -14.53 -9.00 4.45
N LEU A 312 -13.21 -9.14 4.40
CA LEU A 312 -12.61 -10.46 4.26
C LEU A 312 -12.89 -11.33 5.48
N GLY A 313 -12.80 -10.75 6.67
CA GLY A 313 -13.06 -11.50 7.88
C GLY A 313 -14.54 -11.82 8.07
N SER A 314 -15.41 -11.04 7.44
CA SER A 314 -16.84 -11.37 7.48
C SER A 314 -17.14 -12.70 6.83
N TYR A 315 -16.29 -13.19 5.93
CA TYR A 315 -16.48 -14.50 5.33
C TYR A 315 -16.17 -15.62 6.33
N ASN A 316 -15.29 -15.37 7.28
CA ASN A 316 -14.91 -16.39 8.25
C ASN A 316 -16.09 -16.76 9.13
N LYS A 317 -16.16 -18.03 9.51
CA LYS A 317 -17.24 -18.51 10.36
C LYS A 317 -17.10 -17.90 11.77
N TYR A 318 -18.24 -17.88 12.47
CA TYR A 318 -18.24 -17.32 13.82
C TYR A 318 -17.36 -18.13 14.75
N LYS A 319 -17.40 -19.46 14.64
CA LYS A 319 -16.57 -20.34 15.47
C LYS A 319 -15.30 -20.66 14.69
N TYR A 320 -14.37 -19.70 14.71
CA TYR A 320 -13.13 -19.81 13.95
C TYR A 320 -12.01 -19.14 14.73
N ASN A 321 -10.86 -19.81 14.80
CA ASN A 321 -9.71 -19.29 15.55
C ASN A 321 -8.89 -18.39 14.63
N SER A 322 -9.33 -17.15 14.51
CA SER A 322 -8.65 -16.17 13.67
C SER A 322 -7.48 -15.49 14.37
N TYR A 323 -7.34 -15.65 15.69
CA TYR A 323 -6.25 -15.02 16.41
C TYR A 323 -4.90 -15.51 15.90
N ARG A 324 -4.75 -16.82 15.73
CA ARG A 324 -3.50 -17.36 15.23
C ARG A 324 -3.32 -17.08 13.75
N ASP A 325 -4.40 -17.14 12.97
CA ASP A 325 -4.33 -16.95 11.52
C ASP A 325 -4.08 -15.51 11.11
N CYS A 326 -4.36 -14.53 11.97
CA CYS A 326 -4.00 -13.15 11.68
C CYS A 326 -2.56 -12.85 12.03
N MET A 327 -2.07 -13.37 13.16
CA MET A 327 -0.68 -13.21 13.52
C MET A 327 0.23 -13.90 12.52
N LEU A 328 -0.15 -15.08 12.05
CA LEU A 328 0.65 -15.78 11.05
C LEU A 328 0.77 -14.96 9.77
N LEU A 329 -0.36 -14.42 9.28
CA LEU A 329 -0.32 -13.62 8.06
C LEU A 329 0.48 -12.33 8.25
N GLY A 330 0.31 -11.67 9.40
CA GLY A 330 1.08 -10.46 9.65
C GLY A 330 2.57 -10.72 9.73
N CYS A 331 2.97 -11.79 10.43
CA CYS A 331 4.38 -12.13 10.52
C CYS A 331 4.94 -12.52 9.15
N LEU A 332 4.17 -13.25 8.35
CA LEU A 332 4.64 -13.59 7.01
C LEU A 332 4.83 -12.35 6.15
N ASN A 333 3.88 -11.41 6.22
CA ASN A 333 4.00 -10.18 5.42
C ASN A 333 5.21 -9.36 5.87
N SER A 334 5.40 -9.22 7.18
CA SER A 334 6.54 -8.45 7.68
C SER A 334 7.85 -9.11 7.33
N GLY A 335 7.95 -10.44 7.45
CA GLY A 335 9.15 -11.14 7.04
C GLY A 335 9.42 -11.02 5.55
N THR A 336 8.37 -11.06 4.74
CA THR A 336 8.54 -10.86 3.30
C THR A 336 9.09 -9.48 3.00
N SER A 337 8.56 -8.44 3.66
CA SER A 337 9.09 -7.10 3.46
C SER A 337 10.54 -7.00 3.90
N PHE A 338 10.86 -7.56 5.07
CA PHE A 338 12.22 -7.50 5.59
C PHE A 338 13.20 -8.22 4.68
N VAL A 339 12.82 -9.39 4.15
CA VAL A 339 13.70 -10.13 3.27
C VAL A 339 13.86 -9.41 1.93
N SER A 340 12.76 -8.92 1.36
CA SER A 340 12.84 -8.20 0.09
C SER A 340 13.64 -6.92 0.21
N GLY A 341 13.72 -6.33 1.40
CA GLY A 341 14.58 -5.18 1.59
C GLY A 341 16.05 -5.51 1.41
N PHE A 342 16.45 -6.71 1.83
CA PHE A 342 17.85 -7.13 1.75
C PHE A 342 18.35 -7.20 0.31
N ALA A 343 17.53 -7.65 -0.62
CA ALA A 343 17.95 -7.74 -2.02
C ALA A 343 18.16 -6.35 -2.61
N ILE A 344 17.18 -5.46 -2.42
CA ILE A 344 17.27 -4.12 -3.00
C ILE A 344 18.43 -3.34 -2.38
N PHE A 345 18.60 -3.44 -1.06
CA PHE A 345 19.67 -2.68 -0.42
C PHE A 345 21.04 -3.29 -0.63
N SER A 346 21.12 -4.53 -1.13
CA SER A 346 22.40 -5.07 -1.58
C SER A 346 22.69 -4.69 -3.01
N ILE A 347 21.67 -4.63 -3.86
CA ILE A 347 21.84 -4.10 -5.21
C ILE A 347 22.29 -2.65 -5.16
N LEU A 348 21.71 -1.86 -4.25
CA LEU A 348 22.11 -0.47 -4.10
C LEU A 348 23.56 -0.36 -3.66
N GLY A 349 23.99 -1.24 -2.73
CA GLY A 349 25.38 -1.25 -2.34
C GLY A 349 26.32 -1.60 -3.47
N PHE A 350 25.95 -2.58 -4.29
CA PHE A 350 26.76 -2.92 -5.46
C PHE A 350 26.84 -1.76 -6.44
N MET A 351 25.72 -1.09 -6.67
CA MET A 351 25.71 0.06 -7.58
C MET A 351 26.59 1.19 -7.05
N ALA A 352 26.51 1.45 -5.74
CA ALA A 352 27.34 2.49 -5.14
C ALA A 352 28.82 2.13 -5.22
N GLN A 353 29.15 0.85 -5.04
CA GLN A 353 30.55 0.44 -5.15
C GLN A 353 31.07 0.58 -6.58
N GLU A 354 30.27 0.15 -7.56
CA GLU A 354 30.75 0.18 -8.94
C GLU A 354 30.82 1.60 -9.49
N GLN A 355 29.84 2.44 -9.13
CA GLN A 355 29.81 3.80 -9.66
C GLN A 355 30.71 4.74 -8.85
N GLY A 356 30.94 4.44 -7.58
CA GLY A 356 31.69 5.33 -6.72
C GLY A 356 30.87 6.37 -5.98
N VAL A 357 29.57 6.45 -6.26
CA VAL A 357 28.70 7.42 -5.61
C VAL A 357 28.29 6.86 -4.25
N ASP A 358 27.75 7.71 -3.39
CA ASP A 358 27.28 7.26 -2.08
C ASP A 358 26.05 6.37 -2.23
N ILE A 359 25.80 5.56 -1.20
CA ILE A 359 24.66 4.64 -1.23
C ILE A 359 23.36 5.42 -1.25
N ALA A 360 23.31 6.55 -0.54
CA ALA A 360 22.10 7.35 -0.47
C ALA A 360 21.91 8.27 -1.67
N ASP A 361 22.88 8.34 -2.58
CA ASP A 361 22.78 9.18 -3.77
C ASP A 361 22.97 8.38 -5.06
N VAL A 362 22.71 7.06 -5.02
CA VAL A 362 22.94 6.21 -6.18
C VAL A 362 21.65 5.87 -6.92
N ALA A 363 20.48 6.12 -6.32
CA ALA A 363 19.20 5.80 -6.94
C ALA A 363 18.23 6.92 -6.63
N GLU A 364 16.95 6.66 -6.87
CA GLU A 364 15.89 7.64 -6.66
C GLU A 364 15.27 7.43 -5.28
N SER A 365 15.26 8.50 -4.47
CA SER A 365 14.65 8.42 -3.15
C SER A 365 13.15 8.18 -3.25
N GLY A 366 12.49 8.85 -4.19
CA GLY A 366 11.06 8.72 -4.35
C GLY A 366 10.65 7.39 -4.96
N PRO A 367 9.42 7.32 -5.47
CA PRO A 367 8.96 6.06 -6.08
C PRO A 367 9.77 5.72 -7.32
N GLY A 368 9.83 4.43 -7.62
CA GLY A 368 10.62 3.94 -8.72
C GLY A 368 11.95 3.33 -8.35
N LEU A 369 12.21 3.14 -7.05
CA LEU A 369 13.43 2.45 -6.64
C LEU A 369 13.44 1.01 -7.15
N ALA A 370 12.29 0.34 -7.10
CA ALA A 370 12.19 -1.01 -7.63
C ALA A 370 12.36 -1.04 -9.15
N PHE A 371 12.20 0.10 -9.82
CA PHE A 371 12.40 0.20 -11.25
C PHE A 371 13.83 0.63 -11.61
N ILE A 372 14.71 0.77 -10.62
CA ILE A 372 16.10 1.11 -10.86
C ILE A 372 17.04 0.02 -10.34
N ALA A 373 16.80 -0.47 -9.12
CA ALA A 373 17.66 -1.49 -8.54
C ALA A 373 17.43 -2.84 -9.19
N TYR A 374 16.17 -3.28 -9.25
CA TYR A 374 15.87 -4.59 -9.83
C TYR A 374 16.24 -4.69 -11.30
N PRO A 375 15.89 -3.73 -12.17
CA PRO A 375 16.37 -3.83 -13.56
C PRO A 375 17.89 -3.82 -13.68
N LYS A 376 18.58 -3.10 -12.79
CA LYS A 376 20.05 -3.14 -12.81
C LYS A 376 20.57 -4.51 -12.45
N ALA A 377 19.99 -5.14 -11.41
CA ALA A 377 20.41 -6.48 -11.03
C ALA A 377 20.07 -7.50 -12.11
N VAL A 378 19.01 -7.25 -12.88
CA VAL A 378 18.65 -8.16 -13.95
C VAL A 378 19.76 -8.26 -14.98
N THR A 379 20.40 -7.14 -15.30
CA THR A 379 21.46 -7.13 -16.30
C THR A 379 22.70 -7.90 -15.86
N MET A 380 22.79 -8.26 -14.57
CA MET A 380 23.92 -9.05 -14.09
C MET A 380 23.70 -10.55 -14.24
N MET A 381 22.46 -11.01 -14.14
CA MET A 381 22.17 -12.43 -14.27
C MET A 381 22.42 -12.89 -15.70
N PRO A 382 22.82 -14.15 -15.89
CA PRO A 382 22.93 -14.70 -17.25
C PRO A 382 21.56 -14.73 -17.92
N LEU A 383 21.55 -14.44 -19.22
CA LEU A 383 20.32 -14.29 -20.00
C LEU A 383 19.40 -13.29 -19.31
N PRO A 384 19.77 -12.01 -19.28
CA PRO A 384 18.97 -11.04 -18.54
C PRO A 384 17.55 -10.86 -19.04
N THR A 385 17.30 -11.12 -20.33
CA THR A 385 15.95 -10.91 -20.87
C THR A 385 14.93 -11.81 -20.21
N PHE A 386 15.27 -13.09 -20.04
CA PHE A 386 14.35 -14.05 -19.43
C PHE A 386 14.03 -13.67 -17.99
N TRP A 387 15.05 -13.29 -17.22
CA TRP A 387 14.84 -12.88 -15.83
C TRP A 387 14.07 -11.57 -15.71
N SER A 388 14.30 -10.62 -16.63
CA SER A 388 13.50 -9.39 -16.63
C SER A 388 12.03 -9.69 -16.93
N ILE A 389 11.78 -10.56 -17.91
CA ILE A 389 10.41 -10.94 -18.22
C ILE A 389 9.74 -11.60 -17.02
N LEU A 390 10.45 -12.52 -16.36
CA LEU A 390 9.88 -13.17 -15.19
C LEU A 390 9.61 -12.18 -14.07
N PHE A 391 10.55 -11.27 -13.81
CA PHE A 391 10.39 -10.30 -12.72
C PHE A 391 9.19 -9.39 -12.98
N PHE A 392 9.04 -8.88 -14.20
CA PHE A 392 7.93 -7.99 -14.47
C PHE A 392 6.60 -8.74 -14.58
N ILE A 393 6.62 -10.01 -14.98
CA ILE A 393 5.41 -10.81 -14.89
C ILE A 393 5.00 -11.00 -13.43
N MET A 394 5.98 -11.23 -12.54
CA MET A 394 5.67 -11.33 -11.11
C MET A 394 5.08 -10.03 -10.59
N LEU A 395 5.67 -8.90 -10.98
CA LEU A 395 5.16 -7.61 -10.54
C LEU A 395 3.73 -7.39 -11.03
N LEU A 396 3.46 -7.73 -12.29
CA LEU A 396 2.10 -7.61 -12.82
C LEU A 396 1.13 -8.51 -12.07
N LEU A 397 1.55 -9.75 -11.77
CA LEU A 397 0.66 -10.67 -11.05
C LEU A 397 0.34 -10.14 -9.67
N LEU A 398 1.34 -9.64 -8.93
CA LEU A 398 1.08 -9.11 -7.60
C LEU A 398 0.16 -7.89 -7.67
N GLY A 399 0.44 -6.98 -8.60
CA GLY A 399 -0.39 -5.79 -8.73
C GLY A 399 -1.82 -6.12 -9.09
N LEU A 400 -2.02 -7.04 -10.03
CA LEU A 400 -3.37 -7.45 -10.40
C LEU A 400 -4.07 -8.17 -9.26
N ASP A 401 -3.35 -9.00 -8.50
CA ASP A 401 -3.96 -9.70 -7.37
C ASP A 401 -4.45 -8.71 -6.32
N SER A 402 -3.66 -7.67 -6.04
CA SER A 402 -4.10 -6.66 -5.09
C SER A 402 -5.25 -5.82 -5.66
N GLN A 403 -5.14 -5.42 -6.93
CA GLN A 403 -6.09 -4.49 -7.52
C GLN A 403 -7.46 -5.13 -7.69
N PHE A 404 -7.51 -6.41 -8.08
CA PHE A 404 -8.79 -7.08 -8.21
C PHE A 404 -9.53 -7.07 -6.88
N VAL A 405 -8.84 -7.44 -5.81
CA VAL A 405 -9.48 -7.47 -4.49
C VAL A 405 -9.95 -6.08 -4.09
N GLU A 406 -9.10 -5.07 -4.27
CA GLU A 406 -9.46 -3.72 -3.82
C GLU A 406 -10.65 -3.18 -4.60
N VAL A 407 -10.61 -3.30 -5.93
CA VAL A 407 -11.70 -2.75 -6.75
C VAL A 407 -12.98 -3.53 -6.52
N GLU A 408 -12.90 -4.86 -6.38
CA GLU A 408 -14.10 -5.63 -6.11
C GLU A 408 -14.71 -5.29 -4.76
N GLY A 409 -13.87 -5.08 -3.74
CA GLY A 409 -14.40 -4.65 -2.45
C GLY A 409 -15.06 -3.27 -2.53
N GLN A 410 -14.43 -2.34 -3.25
CA GLN A 410 -15.03 -1.02 -3.42
C GLN A 410 -16.38 -1.11 -4.13
N ILE A 411 -16.45 -1.89 -5.20
CA ILE A 411 -17.70 -2.04 -5.94
C ILE A 411 -18.77 -2.69 -5.07
N THR A 412 -18.39 -3.71 -4.31
CA THR A 412 -19.35 -4.37 -3.42
C THR A 412 -19.87 -3.41 -2.36
N SER A 413 -18.98 -2.61 -1.76
CA SER A 413 -19.42 -1.65 -0.76
C SER A 413 -20.35 -0.61 -1.36
N LEU A 414 -20.02 -0.10 -2.54
CA LEU A 414 -20.86 0.91 -3.17
C LEU A 414 -22.22 0.34 -3.60
N VAL A 415 -22.25 -0.91 -4.06
CA VAL A 415 -23.53 -1.54 -4.39
C VAL A 415 -24.37 -1.76 -3.14
N ASP A 416 -23.74 -2.25 -2.06
CA ASP A 416 -24.46 -2.46 -0.81
C ASP A 416 -24.89 -1.16 -0.16
N LEU A 417 -24.29 -0.03 -0.57
CA LEU A 417 -24.70 1.27 -0.01
C LEU A 417 -26.17 1.56 -0.32
N TYR A 418 -26.61 1.28 -1.54
CA TYR A 418 -28.02 1.44 -1.93
C TYR A 418 -28.31 0.53 -3.11
N PRO A 419 -28.54 -0.76 -2.86
CA PRO A 419 -28.84 -1.69 -3.95
C PRO A 419 -30.27 -1.65 -4.46
N SER A 420 -31.09 -0.71 -3.96
CA SER A 420 -32.48 -0.64 -4.41
C SER A 420 -32.57 -0.29 -5.89
N PHE A 421 -31.74 0.63 -6.36
CA PHE A 421 -31.74 1.04 -7.75
C PHE A 421 -30.38 0.94 -8.42
N LEU A 422 -29.30 0.78 -7.65
CA LEU A 422 -27.96 0.70 -8.25
C LEU A 422 -27.72 -0.66 -8.89
N ARG A 423 -28.22 -1.73 -8.29
CA ARG A 423 -28.02 -3.07 -8.80
C ARG A 423 -29.31 -3.84 -9.08
N LYS A 424 -30.45 -3.36 -8.60
CA LYS A 424 -31.72 -4.05 -8.83
C LYS A 424 -32.40 -3.57 -10.11
N GLY A 425 -32.70 -2.27 -10.18
CA GLY A 425 -33.33 -1.74 -11.37
C GLY A 425 -32.36 -1.61 -12.54
N TYR A 426 -31.26 -0.89 -12.32
CA TYR A 426 -30.24 -0.75 -13.35
C TYR A 426 -29.28 -1.93 -13.32
N ARG A 427 -28.75 -2.28 -14.48
CA ARG A 427 -27.79 -3.38 -14.57
C ARG A 427 -26.54 -3.05 -13.77
N ARG A 428 -26.05 -4.05 -13.03
CA ARG A 428 -24.89 -3.84 -12.16
C ARG A 428 -23.61 -3.63 -12.95
N GLU A 429 -23.48 -4.24 -14.14
CA GLU A 429 -22.28 -4.07 -14.94
C GLU A 429 -22.03 -2.61 -15.30
N ILE A 430 -23.11 -1.83 -15.48
CA ILE A 430 -22.98 -0.42 -15.79
C ILE A 430 -22.22 0.30 -14.69
N PHE A 431 -22.36 -0.15 -13.45
CA PHE A 431 -21.60 0.44 -12.36
C PHE A 431 -20.14 0.00 -12.37
N ILE A 432 -19.86 -1.21 -12.86
CA ILE A 432 -18.48 -1.69 -12.90
C ILE A 432 -17.68 -0.94 -13.95
N ALA A 433 -18.26 -0.75 -15.14
CA ALA A 433 -17.55 -0.06 -16.21
C ALA A 433 -17.37 1.42 -15.90
N PHE A 434 -18.40 2.05 -15.30
CA PHE A 434 -18.32 3.48 -15.04
C PHE A 434 -17.25 3.82 -14.02
N VAL A 435 -17.26 3.15 -12.87
CA VAL A 435 -16.34 3.51 -11.79
C VAL A 435 -14.89 3.40 -12.24
N CYS A 436 -14.53 2.26 -12.88
CA CYS A 436 -13.18 2.12 -13.40
C CYS A 436 -12.84 3.25 -14.36
N SER A 437 -13.80 3.64 -15.20
CA SER A 437 -13.57 4.77 -16.09
C SER A 437 -13.23 6.02 -15.30
N ILE A 438 -14.00 6.30 -14.26
CA ILE A 438 -13.70 7.44 -13.40
C ILE A 438 -12.34 7.27 -12.77
N SER A 439 -11.98 6.03 -12.42
CA SER A 439 -10.64 5.78 -11.89
C SER A 439 -9.59 5.85 -13.00
N TYR A 440 -9.96 5.50 -14.23
CA TYR A 440 -8.99 5.56 -15.33
C TYR A 440 -8.66 7.00 -15.70
N LEU A 441 -9.68 7.83 -15.88
CA LEU A 441 -9.45 9.22 -16.28
C LEU A 441 -8.64 9.97 -15.23
N LEU A 442 -8.99 9.78 -13.95
CA LEU A 442 -8.21 10.39 -12.87
C LEU A 442 -6.77 9.89 -12.87
N GLY A 443 -6.54 8.69 -13.41
CA GLY A 443 -5.17 8.20 -13.56
C GLY A 443 -4.39 8.86 -14.66
N LEU A 444 -5.07 9.45 -15.65
CA LEU A 444 -4.37 10.10 -16.75
C LEU A 444 -3.59 11.32 -16.30
N THR A 445 -3.88 11.88 -15.12
CA THR A 445 -3.07 12.96 -14.59
C THR A 445 -1.68 12.46 -14.16
N MET A 446 -1.52 11.16 -13.95
CA MET A 446 -0.23 10.57 -13.64
C MET A 446 0.42 9.92 -14.84
N VAL A 447 -0.22 9.99 -16.01
CA VAL A 447 0.37 9.50 -17.24
C VAL A 447 1.14 10.59 -17.99
N THR A 448 0.82 11.86 -17.74
CA THR A 448 1.52 12.96 -18.39
C THR A 448 3.01 12.95 -18.03
N GLU A 449 3.76 13.80 -18.71
CA GLU A 449 5.20 13.88 -18.47
C GLU A 449 5.48 14.33 -17.03
N GLY A 450 4.67 15.26 -16.51
CA GLY A 450 4.83 15.71 -15.16
C GLY A 450 3.93 14.99 -14.17
N GLY A 451 3.41 13.82 -14.57
CA GLY A 451 2.53 13.05 -13.72
C GLY A 451 3.19 12.30 -12.60
N MET A 452 4.53 12.22 -12.59
CA MET A 452 5.23 11.57 -11.50
C MET A 452 5.03 12.31 -10.18
N TYR A 453 5.03 13.64 -10.23
CA TYR A 453 4.78 14.42 -9.02
C TYR A 453 3.36 14.22 -8.50
N VAL A 454 2.39 14.12 -9.41
CA VAL A 454 1.02 13.84 -9.00
C VAL A 454 0.92 12.46 -8.37
N PHE A 455 1.63 11.47 -8.94
CA PHE A 455 1.64 10.14 -8.35
C PHE A 455 2.28 10.16 -6.96
N GLN A 456 3.35 10.94 -6.79
CA GLN A 456 3.97 11.06 -5.47
C GLN A 456 3.01 11.70 -4.47
N LEU A 457 2.29 12.74 -4.90
CA LEU A 457 1.31 13.38 -4.01
C LEU A 457 0.23 12.39 -3.60
N PHE A 458 -0.28 11.60 -4.55
CA PHE A 458 -1.29 10.60 -4.22
C PHE A 458 -0.73 9.53 -3.28
N ASP A 459 0.49 9.07 -3.54
CA ASP A 459 1.10 8.05 -2.70
C ASP A 459 1.38 8.56 -1.29
N TYR A 460 1.60 9.86 -1.13
CA TYR A 460 1.88 10.44 0.18
C TYR A 460 0.63 10.88 0.93
N TYR A 461 -0.46 11.18 0.23
CA TYR A 461 -1.66 11.73 0.86
C TYR A 461 -2.91 10.89 0.66
N ALA A 462 -3.13 10.35 -0.53
CA ALA A 462 -4.43 9.75 -0.85
C ALA A 462 -4.69 8.50 -0.01
N ALA A 463 -3.70 7.63 0.14
CA ALA A 463 -3.88 6.39 0.88
C ALA A 463 -2.72 6.19 1.85
N SER A 464 -2.24 7.27 2.45
CA SER A 464 -1.16 7.24 3.42
C SER A 464 -1.14 8.56 4.17
N GLY A 465 -0.12 8.74 5.00
CA GLY A 465 -0.01 9.98 5.76
C GLY A 465 -0.92 9.96 6.97
N VAL A 466 -1.60 11.10 7.18
CA VAL A 466 -2.42 11.28 8.38
C VAL A 466 -3.78 10.61 8.29
N CYS A 467 -4.24 10.25 7.09
CA CYS A 467 -5.57 9.66 6.95
C CYS A 467 -5.61 8.25 7.54
N LEU A 468 -4.60 7.44 7.25
CA LEU A 468 -4.58 6.08 7.80
C LEU A 468 -4.46 6.09 9.31
N LEU A 469 -3.59 6.96 9.86
CA LEU A 469 -3.48 7.09 11.30
C LEU A 469 -4.78 7.59 11.92
N TRP A 470 -5.46 8.52 11.25
CA TRP A 470 -6.74 9.02 11.71
C TRP A 470 -7.77 7.91 11.80
N VAL A 471 -7.88 7.10 10.74
CA VAL A 471 -8.84 6.00 10.72
C VAL A 471 -8.50 4.97 11.79
N ALA A 472 -7.22 4.62 11.92
CA ALA A 472 -6.82 3.64 12.92
C ALA A 472 -7.09 4.13 14.34
N PHE A 473 -6.79 5.41 14.61
CA PHE A 473 -7.05 5.97 15.92
C PHE A 473 -8.54 5.96 16.24
N PHE A 474 -9.37 6.34 15.26
CA PHE A 474 -10.81 6.31 15.50
C PHE A 474 -11.34 4.90 15.73
N GLU A 475 -10.87 3.92 14.94
CA GLU A 475 -11.30 2.54 15.15
C GLU A 475 -10.91 2.05 16.54
N CYS A 476 -9.66 2.28 16.94
CA CYS A 476 -9.20 1.83 18.25
C CYS A 476 -9.94 2.54 19.39
N PHE A 477 -10.18 3.85 19.27
CA PHE A 477 -10.91 4.56 20.31
C PHE A 477 -12.35 4.05 20.41
N VAL A 478 -13.02 3.85 19.28
CA VAL A 478 -14.39 3.36 19.31
C VAL A 478 -14.44 1.97 19.95
N ILE A 479 -13.49 1.10 19.60
CA ILE A 479 -13.52 -0.26 20.11
C ILE A 479 -13.20 -0.29 21.60
N ALA A 480 -12.18 0.45 22.03
CA ALA A 480 -11.68 0.31 23.39
C ALA A 480 -12.41 1.17 24.41
N TRP A 481 -12.84 2.38 24.04
CA TRP A 481 -13.43 3.29 25.00
C TRP A 481 -14.93 3.46 24.85
N ILE A 482 -15.51 3.06 23.73
CA ILE A 482 -16.96 3.11 23.52
C ILE A 482 -17.57 1.71 23.61
N TYR A 483 -17.08 0.77 22.80
CA TYR A 483 -17.57 -0.60 22.87
C TYR A 483 -17.06 -1.31 24.12
N GLY A 484 -15.79 -1.13 24.45
CA GLY A 484 -15.21 -1.75 25.63
C GLY A 484 -14.32 -2.93 25.29
N GLY A 485 -13.11 -2.96 25.87
CA GLY A 485 -12.21 -4.07 25.63
C GLY A 485 -12.73 -5.38 26.19
N ASP A 486 -13.28 -5.35 27.40
CA ASP A 486 -13.81 -6.57 28.01
C ASP A 486 -15.04 -7.08 27.27
N ASN A 487 -15.90 -6.16 26.80
CA ASN A 487 -17.08 -6.56 26.05
C ASN A 487 -16.69 -7.27 24.76
N LEU A 488 -15.66 -6.77 24.08
CA LEU A 488 -15.20 -7.43 22.86
C LEU A 488 -14.50 -8.75 23.18
N TYR A 489 -13.75 -8.79 24.29
CA TYR A 489 -13.10 -10.04 24.70
C TYR A 489 -14.12 -11.12 25.01
N ASP A 490 -15.28 -10.75 25.54
CA ASP A 490 -16.33 -11.73 25.80
C ASP A 490 -16.77 -12.40 24.50
N GLY A 491 -16.95 -11.62 23.43
CA GLY A 491 -17.28 -12.21 22.15
C GLY A 491 -16.13 -13.00 21.55
N ILE A 492 -14.90 -12.52 21.74
CA ILE A 492 -13.73 -13.22 21.20
C ILE A 492 -13.57 -14.59 21.85
N GLU A 493 -13.90 -14.69 23.15
CA GLU A 493 -13.81 -15.97 23.84
C GLU A 493 -14.70 -17.02 23.17
N ASP A 494 -15.89 -16.64 22.76
CA ASP A 494 -16.77 -17.56 22.05
C ASP A 494 -16.33 -17.77 20.60
N MET A 495 -15.75 -16.74 19.97
CA MET A 495 -15.39 -16.85 18.56
C MET A 495 -14.19 -17.76 18.36
N ILE A 496 -13.14 -17.61 19.17
CA ILE A 496 -11.93 -18.37 18.98
C ILE A 496 -11.75 -19.50 19.98
N GLY A 497 -12.40 -19.42 21.15
CA GLY A 497 -12.35 -20.49 22.13
C GLY A 497 -11.52 -20.19 23.37
N TYR A 498 -10.76 -19.11 23.38
CA TYR A 498 -9.93 -18.79 24.54
C TYR A 498 -9.79 -17.28 24.67
N ARG A 499 -9.59 -16.83 25.90
CA ARG A 499 -9.41 -15.40 26.16
C ARG A 499 -8.00 -14.97 25.76
N PRO A 500 -7.84 -14.01 24.86
CA PRO A 500 -6.50 -13.54 24.51
C PRO A 500 -5.85 -12.79 25.66
N GLY A 501 -4.55 -12.57 25.52
CA GLY A 501 -3.79 -11.84 26.52
C GLY A 501 -4.06 -10.36 26.47
N PRO A 502 -3.45 -9.63 27.42
CA PRO A 502 -3.67 -8.19 27.49
C PRO A 502 -2.99 -7.39 26.39
N TRP A 503 -2.26 -8.04 25.49
CA TRP A 503 -1.56 -7.33 24.43
C TRP A 503 -2.53 -6.55 23.55
N MET A 504 -3.57 -7.23 23.04
CA MET A 504 -4.53 -6.57 22.17
C MET A 504 -5.32 -5.50 22.93
N LYS A 505 -5.71 -5.79 24.16
CA LYS A 505 -6.49 -4.84 24.94
C LYS A 505 -5.70 -3.55 25.18
N TYR A 506 -4.44 -3.68 25.60
CA TYR A 506 -3.62 -2.50 25.88
C TYR A 506 -3.10 -1.83 24.61
N SER A 507 -3.05 -2.53 23.48
CA SER A 507 -2.73 -1.87 22.23
C SER A 507 -3.89 -1.05 21.70
N TRP A 508 -5.11 -1.60 21.78
CA TRP A 508 -6.28 -0.83 21.36
C TRP A 508 -6.54 0.35 22.29
N ALA A 509 -6.42 0.12 23.60
CA ALA A 509 -6.77 1.16 24.56
C ALA A 509 -5.71 2.25 24.66
N VAL A 510 -4.43 1.88 24.59
CA VAL A 510 -3.36 2.82 24.92
C VAL A 510 -2.39 3.01 23.76
N ILE A 511 -1.72 1.94 23.35
CA ILE A 511 -0.52 2.08 22.51
C ILE A 511 -0.87 2.70 21.16
N THR A 512 -1.87 2.15 20.48
CA THR A 512 -2.20 2.66 19.14
C THR A 512 -2.72 4.10 19.17
N PRO A 513 -3.68 4.47 20.03
CA PRO A 513 -4.07 5.89 20.06
C PRO A 513 -2.93 6.82 20.43
N VAL A 514 -2.07 6.42 21.37
CA VAL A 514 -0.93 7.26 21.74
C VAL A 514 0.00 7.47 20.56
N LEU A 515 0.29 6.39 19.82
CA LEU A 515 1.13 6.52 18.65
C LEU A 515 0.49 7.41 17.59
N CYS A 516 -0.81 7.22 17.34
CA CYS A 516 -1.48 7.96 16.28
C CYS A 516 -1.74 9.42 16.64
N VAL A 517 -1.69 9.77 17.93
CA VAL A 517 -1.79 11.16 18.36
C VAL A 517 -0.42 11.84 18.39
N GLY A 518 0.59 11.12 18.90
CA GLY A 518 1.94 11.66 18.89
C GLY A 518 2.46 11.90 17.49
N CYS A 519 2.15 10.99 16.56
CA CYS A 519 2.54 11.20 15.18
C CYS A 519 1.91 12.46 14.60
N PHE A 520 0.61 12.66 14.84
CA PHE A 520 -0.06 13.88 14.37
C PHE A 520 0.60 15.12 14.96
N ILE A 521 0.82 15.13 16.28
CA ILE A 521 1.35 16.31 16.94
C ILE A 521 2.75 16.63 16.43
N PHE A 522 3.61 15.60 16.34
CA PHE A 522 4.98 15.85 15.92
C PHE A 522 5.08 16.21 14.45
N SER A 523 4.19 15.65 13.61
CA SER A 523 4.22 15.99 12.20
C SER A 523 3.67 17.39 11.95
N LEU A 524 2.75 17.85 12.79
CA LEU A 524 2.22 19.21 12.63
C LEU A 524 3.16 20.26 13.20
N VAL A 525 3.76 19.99 14.37
CA VAL A 525 4.69 20.96 14.95
C VAL A 525 5.96 21.06 14.10
N LYS A 526 6.55 19.92 13.77
CA LYS A 526 7.74 19.87 12.92
C LYS A 526 7.28 19.49 11.51
N TYR A 527 6.71 20.47 10.80
CA TYR A 527 6.15 20.24 9.49
C TYR A 527 7.24 20.36 8.44
N VAL A 528 7.55 19.26 7.78
CA VAL A 528 8.51 19.21 6.68
C VAL A 528 7.72 19.03 5.39
N PRO A 529 7.74 20.01 4.47
CA PRO A 529 6.97 19.88 3.23
C PRO A 529 7.43 18.70 2.39
N LEU A 530 6.48 18.11 1.67
CA LEU A 530 6.78 16.97 0.83
C LEU A 530 7.71 17.37 -0.32
N THR A 531 8.67 16.52 -0.62
CA THR A 531 9.62 16.73 -1.70
C THR A 531 9.75 15.46 -2.52
N TYR A 532 10.09 15.63 -3.79
CA TYR A 532 10.28 14.51 -4.72
C TYR A 532 11.77 14.37 -4.99
N ASN A 533 12.33 13.20 -4.69
CA ASN A 533 13.75 12.92 -4.86
C ASN A 533 14.63 13.93 -4.13
N LYS A 534 14.14 14.44 -2.99
CA LYS A 534 14.83 15.37 -2.10
C LYS A 534 15.48 16.54 -2.85
N THR A 535 14.96 16.89 -4.03
CA THR A 535 15.52 17.98 -4.81
C THR A 535 14.42 18.92 -5.30
N TYR A 536 13.21 18.40 -5.46
CA TYR A 536 12.09 19.17 -5.98
C TYR A 536 11.21 19.64 -4.83
N VAL A 537 10.84 20.93 -4.86
CA VAL A 537 10.00 21.54 -3.85
C VAL A 537 8.62 21.77 -4.45
N TYR A 538 7.61 21.11 -3.89
CA TYR A 538 6.26 21.27 -4.40
C TYR A 538 5.73 22.68 -4.14
N PRO A 539 4.91 23.21 -5.04
CA PRO A 539 4.31 24.52 -4.81
C PRO A 539 3.29 24.47 -3.69
N ASN A 540 2.87 25.67 -3.25
CA ASN A 540 1.88 25.76 -2.19
C ASN A 540 0.55 25.12 -2.59
N TRP A 541 0.14 25.33 -3.85
CA TRP A 541 -1.13 24.77 -4.29
C TRP A 541 -1.08 23.25 -4.40
N ALA A 542 0.08 22.68 -4.75
CA ALA A 542 0.19 21.22 -4.76
C ALA A 542 0.06 20.65 -3.35
N ILE A 543 0.68 21.29 -2.37
CA ILE A 543 0.53 20.85 -0.99
C ILE A 543 -0.91 21.00 -0.54
N GLY A 544 -1.57 22.08 -0.95
CA GLY A 544 -2.98 22.26 -0.62
C GLY A 544 -3.84 21.17 -1.25
N LEU A 545 -3.54 20.79 -2.48
CA LEU A 545 -4.28 19.71 -3.13
C LEU A 545 -4.07 18.38 -2.40
N GLY A 546 -2.83 18.10 -1.98
CA GLY A 546 -2.58 16.89 -1.22
C GLY A 546 -3.31 16.87 0.11
N TRP A 547 -3.31 18.00 0.82
CA TRP A 547 -4.05 18.09 2.07
C TRP A 547 -5.55 17.96 1.85
N SER A 548 -6.06 18.50 0.75
CA SER A 548 -7.47 18.32 0.42
C SER A 548 -7.79 16.87 0.12
N LEU A 549 -6.89 16.16 -0.57
CA LEU A 549 -7.09 14.74 -0.81
C LEU A 549 -7.13 13.96 0.51
N ALA A 550 -6.24 14.31 1.44
CA ALA A 550 -6.28 13.66 2.76
C ALA A 550 -7.56 14.00 3.51
N LEU A 551 -7.97 15.27 3.49
CA LEU A 551 -9.16 15.69 4.21
C LEU A 551 -10.44 15.11 3.62
N SER A 552 -10.46 14.80 2.33
CA SER A 552 -11.64 14.20 1.73
C SER A 552 -12.02 12.90 2.42
N SER A 553 -11.03 12.17 2.93
CA SER A 553 -11.29 10.98 3.72
C SER A 553 -11.30 11.25 5.22
N MET A 554 -10.51 12.23 5.68
CA MET A 554 -10.48 12.51 7.11
C MET A 554 -11.79 13.09 7.63
N LEU A 555 -12.47 13.90 6.82
CA LEU A 555 -13.67 14.60 7.27
C LEU A 555 -14.93 13.76 7.18
N CYS A 556 -14.84 12.53 6.68
CA CYS A 556 -16.03 11.69 6.58
C CYS A 556 -16.60 11.38 7.97
N VAL A 557 -15.74 11.06 8.93
CA VAL A 557 -16.23 10.71 10.27
C VAL A 557 -16.95 11.87 10.94
N PRO A 558 -16.37 13.09 11.05
CA PRO A 558 -17.10 14.18 11.72
C PRO A 558 -18.38 14.59 10.98
N LEU A 559 -18.36 14.55 9.65
CA LEU A 559 -19.56 14.90 8.89
C LEU A 559 -20.68 13.90 9.14
N VAL A 560 -20.34 12.60 9.17
CA VAL A 560 -21.35 11.59 9.46
C VAL A 560 -21.84 11.72 10.89
N ILE A 561 -20.96 12.07 11.83
CA ILE A 561 -21.39 12.30 13.20
C ILE A 561 -22.38 13.45 13.26
N VAL A 562 -22.09 14.54 12.55
CA VAL A 562 -22.99 15.70 12.55
C VAL A 562 -24.33 15.34 11.94
N ILE A 563 -24.31 14.60 10.82
CA ILE A 563 -25.55 14.21 10.17
C ILE A 563 -26.38 13.31 11.08
N ARG A 564 -25.73 12.35 11.73
CA ARG A 564 -26.43 11.42 12.61
C ARG A 564 -27.02 12.15 13.81
N LEU A 565 -26.29 13.10 14.37
CA LEU A 565 -26.83 13.89 15.48
C LEU A 565 -28.00 14.76 15.04
N CYS A 566 -27.90 15.35 13.85
CA CYS A 566 -28.96 16.24 13.38
C CYS A 566 -30.24 15.48 13.02
N GLN A 567 -30.11 14.26 12.49
CA GLN A 567 -31.30 13.52 12.08
C GLN A 567 -32.10 13.04 13.28
N THR A 568 -31.46 12.87 14.43
CA THR A 568 -32.16 12.45 15.64
C THR A 568 -32.88 13.64 16.28
N GLU A 569 -33.77 13.32 17.22
CA GLU A 569 -34.54 14.33 17.93
C GLU A 569 -34.41 14.10 19.43
N GLY A 570 -34.62 15.18 20.19
CA GLY A 570 -34.52 15.12 21.62
C GLY A 570 -33.28 15.82 22.13
N PRO A 571 -33.13 15.88 23.45
CA PRO A 571 -31.92 16.51 24.03
C PRO A 571 -30.67 15.75 23.65
N PHE A 572 -29.53 16.42 23.78
CA PHE A 572 -28.26 15.89 23.28
C PHE A 572 -27.90 14.56 23.96
N LEU A 573 -28.17 14.44 25.26
CA LEU A 573 -27.82 13.21 25.95
C LEU A 573 -28.62 12.03 25.42
N VAL A 574 -29.90 12.24 25.10
CA VAL A 574 -30.71 11.16 24.53
C VAL A 574 -30.15 10.73 23.18
N ARG A 575 -29.78 11.71 22.34
CA ARG A 575 -29.22 11.39 21.03
C ARG A 575 -27.91 10.61 21.17
N VAL A 576 -27.03 11.05 22.07
CA VAL A 576 -25.75 10.36 22.22
C VAL A 576 -25.92 9.00 22.90
N LYS A 577 -26.98 8.82 23.68
CA LYS A 577 -27.28 7.49 24.21
C LYS A 577 -27.75 6.56 23.10
N TYR A 578 -28.66 7.04 22.25
CA TYR A 578 -29.17 6.20 21.18
C TYR A 578 -28.08 5.85 20.16
N LEU A 579 -27.25 6.82 19.79
CA LEU A 579 -26.29 6.61 18.72
C LEU A 579 -25.05 5.85 19.17
N LEU A 580 -24.80 5.76 20.47
CA LEU A 580 -23.67 5.00 20.99
C LEU A 580 -24.06 3.60 21.44
N THR A 581 -25.32 3.21 21.26
CA THR A 581 -25.77 1.89 21.69
C THR A 581 -25.58 0.89 20.56
N PRO A 582 -24.82 -0.19 20.76
CA PRO A 582 -24.66 -1.19 19.69
C PRO A 582 -25.99 -1.82 19.30
N ARG A 583 -26.15 -2.08 18.00
CA ARG A 583 -27.39 -2.65 17.47
C ARG A 583 -27.25 -4.16 17.30
N GLU A 584 -27.05 -4.85 18.43
CA GLU A 584 -26.91 -6.29 18.48
C GLU A 584 -25.86 -6.78 17.48
N PRO A 585 -24.57 -6.53 17.74
CA PRO A 585 -23.55 -6.91 16.76
C PRO A 585 -23.52 -8.40 16.44
N ASN A 586 -23.79 -9.26 17.43
CA ASN A 586 -23.75 -10.70 17.24
C ASN A 586 -25.13 -11.29 17.05
N ARG A 587 -26.04 -10.55 16.41
CA ARG A 587 -27.37 -11.08 16.12
C ARG A 587 -27.30 -12.25 15.14
N TRP A 588 -26.29 -12.27 14.27
CA TRP A 588 -26.15 -13.36 13.32
C TRP A 588 -25.87 -14.69 14.01
N ALA A 589 -25.32 -14.68 15.23
CA ALA A 589 -25.06 -15.90 15.97
C ALA A 589 -25.99 -16.02 17.17
CL CL B . 5.82 -3.70 4.76
#